data_5X5V
#
_entry.id   5X5V
#
_cell.length_a   79.398
_cell.length_b   60.975
_cell.length_c   60.681
_cell.angle_alpha   90.00
_cell.angle_beta   111.22
_cell.angle_gamma   90.00
#
_symmetry.space_group_name_H-M   'C 1 2 1'
#
loop_
_entity.id
_entity.type
_entity.pdbx_description
1 polymer GD
2 water water
#
_entity_poly.entity_id   1
_entity_poly.type   'polypeptide(L)'
_entity_poly.pdbx_seq_one_letter_code
;MLLAALLAALVARTTLGADVDAVPAPTFPPPAYPYTESWQLTLTTVPSPFVGPADVYHTRPLEDPCGVVALISDPQVDRL
LNEAVAHRRPTYRAHVAWYRIADGCAHLLYFIEYADCDPRQVFGRCRRRTTPMWWTPSADYMFPTEDELGLLMVAPGRFN
EGQYRRLVSVDGVNILTDFMVALPEGQECPFARVDQHRTYKFGACWSDDSFKRGVDVMRFLTPFYQQPPHREVVNYWYRK
NGRTLPRAYAAATPYAIDPARPSAGSPRPRPRPRPRPRPKPEPAPATPAPPDRLPEPATRDHAAGGRPTPRPPRPETPHR
PFAPPAVVPSGWPQPAEPFQPRTPAAPGVSRHRSVIVGTGTAMGALLVGVCVYIFFRLRGAKGYRLLGGPADADELKAQP
GP
;
_entity_poly.pdbx_strand_id   A
#
# COMPACT_ATOMS: atom_id res chain seq x y z
N PRO A 26 3.35 -21.12 -14.31
CA PRO A 26 3.79 -19.75 -14.09
C PRO A 26 3.77 -18.94 -15.38
N THR A 27 4.19 -17.69 -15.32
CA THR A 27 4.25 -16.86 -16.52
C THR A 27 5.57 -16.10 -16.59
N PHE A 28 6.01 -15.79 -17.81
CA PHE A 28 7.18 -14.94 -17.99
C PHE A 28 6.81 -13.50 -17.65
N PRO A 29 7.81 -12.69 -17.26
CA PRO A 29 7.54 -11.27 -17.02
C PRO A 29 7.13 -10.55 -18.30
N PRO A 30 6.14 -9.65 -18.20
CA PRO A 30 5.64 -8.89 -19.35
C PRO A 30 6.69 -7.95 -19.90
N PRO A 31 6.53 -7.47 -21.14
CA PRO A 31 7.49 -6.56 -21.76
C PRO A 31 7.60 -5.21 -21.04
N ALA A 32 8.82 -4.70 -20.97
CA ALA A 32 9.09 -3.41 -20.36
C ALA A 32 8.64 -2.28 -21.27
N TYR A 33 8.39 -1.12 -20.67
CA TYR A 33 8.04 0.09 -21.42
C TYR A 33 8.79 1.23 -20.77
N PRO A 34 9.29 2.18 -21.57
CA PRO A 34 10.04 3.29 -20.97
C PRO A 34 9.15 4.19 -20.14
N TYR A 35 9.67 4.67 -19.01
CA TYR A 35 8.99 5.73 -18.28
C TYR A 35 10.01 6.66 -17.64
N THR A 36 9.54 7.85 -17.29
CA THR A 36 10.34 8.83 -16.57
C THR A 36 10.03 8.75 -15.08
N GLU A 37 11.05 8.48 -14.28
CA GLU A 37 10.90 8.44 -12.82
C GLU A 37 11.35 9.75 -12.23
N SER A 38 10.53 10.31 -11.34
CA SER A 38 10.87 11.55 -10.67
C SER A 38 10.64 11.39 -9.18
N TRP A 39 11.11 12.35 -8.38
CA TRP A 39 10.79 12.34 -6.95
C TRP A 39 9.34 12.75 -6.74
N GLN A 40 8.88 13.71 -7.52
CA GLN A 40 7.51 14.22 -7.37
C GLN A 40 6.89 14.55 -8.72
N LEU A 41 5.57 14.61 -8.72
CA LEU A 41 4.83 15.08 -9.88
C LEU A 41 4.00 16.29 -9.43
N THR A 42 2.67 16.20 -9.44
CA THR A 42 1.88 17.39 -9.13
C THR A 42 1.66 17.60 -7.63
N LEU A 43 1.67 16.53 -6.84
CA LEU A 43 1.40 16.67 -5.40
C LEU A 43 2.67 16.74 -4.57
N THR A 44 2.75 17.74 -3.69
CA THR A 44 3.86 17.85 -2.75
C THR A 44 3.39 17.54 -1.34
N THR A 45 2.07 17.43 -1.15
CA THR A 45 1.52 17.14 0.16
C THR A 45 0.68 15.86 0.09
N VAL A 46 0.61 15.15 1.20
CA VAL A 46 -0.11 13.87 1.22
C VAL A 46 -1.62 14.12 1.21
N PRO A 47 -2.34 13.49 0.28
CA PRO A 47 -3.80 13.63 0.23
C PRO A 47 -4.46 13.17 1.52
N SER A 48 -5.52 13.85 1.95
CA SER A 48 -6.22 13.42 3.14
C SER A 48 -6.89 12.07 2.95
N PRO A 49 -6.77 11.18 3.95
CA PRO A 49 -7.47 9.89 3.92
C PRO A 49 -8.89 10.01 4.44
N PHE A 50 -9.28 11.23 4.83
CA PHE A 50 -10.57 11.44 5.46
C PHE A 50 -11.55 12.17 4.53
N VAL A 51 -11.45 11.89 3.24
CA VAL A 51 -12.22 12.62 2.24
C VAL A 51 -13.60 11.99 2.00
N GLY A 52 -13.78 10.77 2.49
CA GLY A 52 -15.06 10.08 2.38
C GLY A 52 -15.17 8.84 3.23
N PRO A 53 -16.27 8.09 3.08
CA PRO A 53 -16.45 6.80 3.79
C PRO A 53 -15.59 5.71 3.17
N ALA A 54 -15.29 4.68 3.96
CA ALA A 54 -14.45 3.58 3.49
C ALA A 54 -15.09 2.24 3.79
N ASP A 55 -15.24 1.41 2.77
CA ASP A 55 -15.71 0.04 2.95
C ASP A 55 -14.67 -0.72 3.74
N VAL A 56 -15.12 -1.64 4.58
CA VAL A 56 -14.23 -2.34 5.51
C VAL A 56 -14.02 -3.80 5.11
N TYR A 57 -12.75 -4.21 5.04
CA TYR A 57 -12.40 -5.60 4.80
C TYR A 57 -11.47 -6.10 5.89
N HIS A 58 -11.43 -7.41 6.05
CA HIS A 58 -10.60 -8.06 7.05
C HIS A 58 -9.58 -8.94 6.38
N THR A 59 -8.30 -8.72 6.69
CA THR A 59 -7.26 -9.56 6.11
C THR A 59 -7.40 -10.98 6.65
N ARG A 60 -7.11 -11.96 5.80
CA ARG A 60 -7.26 -13.35 6.21
C ARG A 60 -6.23 -13.71 7.27
N PRO A 61 -6.64 -14.49 8.29
CA PRO A 61 -5.70 -14.86 9.34
C PRO A 61 -4.52 -15.63 8.80
N LEU A 62 -3.39 -15.54 9.47
CA LEU A 62 -2.19 -16.27 9.08
C LEU A 62 -2.32 -17.74 9.49
N GLU A 63 -1.83 -18.62 8.63
CA GLU A 63 -1.77 -20.04 8.94
C GLU A 63 -0.69 -20.30 10.00
N ASP A 64 0.33 -19.43 10.01
CA ASP A 64 1.36 -19.42 11.03
C ASP A 64 1.94 -18.00 11.11
N PRO A 65 2.53 -17.62 12.25
CA PRO A 65 2.93 -16.23 12.51
C PRO A 65 3.92 -15.67 11.48
N CYS A 66 4.70 -16.54 10.87
CA CYS A 66 5.73 -16.06 9.95
C CYS A 66 5.23 -16.02 8.52
N GLY A 67 3.91 -16.15 8.35
CA GLY A 67 3.30 -16.04 7.03
C GLY A 67 3.17 -14.60 6.58
N VAL A 68 2.41 -14.40 5.51
CA VAL A 68 2.26 -13.09 4.88
C VAL A 68 0.83 -12.60 4.94
N VAL A 69 0.63 -11.39 5.48
CA VAL A 69 -0.70 -10.79 5.52
C VAL A 69 -0.96 -10.07 4.20
N ALA A 70 -2.10 -10.34 3.58
CA ALA A 70 -2.41 -9.75 2.28
C ALA A 70 -3.50 -8.66 2.40
N LEU A 71 -3.09 -7.42 2.25
CA LEU A 71 -4.02 -6.29 2.25
C LEU A 71 -4.43 -6.07 0.80
N ILE A 72 -5.35 -6.93 0.36
CA ILE A 72 -5.79 -7.03 -1.03
C ILE A 72 -7.31 -6.99 -1.11
N SER A 73 -7.82 -6.09 -1.94
CA SER A 73 -9.24 -6.04 -2.27
C SER A 73 -9.39 -5.17 -3.49
N ASP A 74 -10.10 -5.67 -4.50
CA ASP A 74 -10.25 -4.97 -5.78
C ASP A 74 -10.90 -3.61 -5.56
N PRO A 75 -10.20 -2.52 -5.91
CA PRO A 75 -10.77 -1.19 -5.72
C PRO A 75 -11.79 -0.83 -6.79
N GLN A 76 -11.88 -1.67 -7.82
CA GLN A 76 -12.71 -1.42 -9.00
C GLN A 76 -12.34 -0.09 -9.64
N VAL A 77 -11.04 0.09 -9.81
CA VAL A 77 -10.50 1.30 -10.39
C VAL A 77 -10.66 1.24 -11.92
N ASP A 78 -10.89 0.03 -12.43
CA ASP A 78 -11.10 -0.15 -13.87
C ASP A 78 -12.26 0.71 -14.40
N ARG A 79 -13.26 0.92 -13.55
CA ARG A 79 -14.38 1.80 -13.87
C ARG A 79 -13.92 3.19 -14.28
N LEU A 80 -12.91 3.70 -13.57
CA LEU A 80 -12.42 5.05 -13.82
C LEU A 80 -11.59 5.12 -15.09
N LEU A 81 -10.83 4.06 -15.37
CA LEU A 81 -10.09 3.97 -16.62
C LEU A 81 -11.06 3.89 -17.79
N ASN A 82 -12.12 3.11 -17.64
CA ASN A 82 -13.13 3.01 -18.69
C ASN A 82 -13.80 4.34 -18.99
N GLU A 83 -13.98 5.18 -17.97
CA GLU A 83 -14.56 6.50 -18.17
C GLU A 83 -13.66 7.37 -19.03
N ALA A 84 -12.35 7.28 -18.80
CA ALA A 84 -11.39 8.01 -19.63
C ALA A 84 -11.51 7.60 -21.09
N VAL A 85 -11.64 6.30 -21.32
CA VAL A 85 -11.82 5.78 -22.67
C VAL A 85 -13.15 6.26 -23.27
N ALA A 86 -14.21 6.19 -22.48
CA ALA A 86 -15.55 6.59 -22.92
C ALA A 86 -15.59 8.07 -23.31
N HIS A 87 -14.83 8.91 -22.62
CA HIS A 87 -14.77 10.33 -22.93
C HIS A 87 -13.62 10.66 -23.87
N ARG A 88 -12.95 9.61 -24.34
CA ARG A 88 -11.86 9.73 -25.31
C ARG A 88 -10.72 10.61 -24.82
N ARG A 89 -10.42 10.50 -23.53
CA ARG A 89 -9.22 11.14 -22.99
C ARG A 89 -8.05 10.18 -23.16
N PRO A 90 -6.96 10.65 -23.79
CA PRO A 90 -5.84 9.77 -24.13
C PRO A 90 -5.03 9.30 -22.93
N THR A 91 -5.06 10.05 -21.84
CA THR A 91 -4.32 9.66 -20.64
C THR A 91 -5.19 9.85 -19.40
N TYR A 92 -4.76 9.24 -18.30
CA TYR A 92 -5.32 9.55 -17.00
C TYR A 92 -4.18 9.82 -16.02
N ARG A 93 -4.52 10.41 -14.88
CA ARG A 93 -3.55 10.68 -13.81
C ARG A 93 -4.01 9.92 -12.58
N ALA A 94 -3.10 9.61 -11.68
CA ALA A 94 -3.47 8.82 -10.52
C ALA A 94 -2.49 8.95 -9.36
N HIS A 95 -2.95 8.50 -8.20
CA HIS A 95 -2.08 8.32 -7.05
C HIS A 95 -2.65 7.29 -6.11
N VAL A 96 -1.74 6.69 -5.34
CA VAL A 96 -2.12 5.71 -4.34
C VAL A 96 -1.44 6.06 -3.05
N ALA A 97 -2.19 5.99 -1.95
CA ALA A 97 -1.60 6.24 -0.64
C ALA A 97 -2.13 5.25 0.37
N TRP A 98 -1.32 4.91 1.35
CA TRP A 98 -1.76 4.08 2.46
C TRP A 98 -1.46 4.78 3.77
N TYR A 99 -2.29 4.48 4.77
CA TYR A 99 -2.23 5.13 6.08
C TYR A 99 -2.56 4.14 7.17
N ARG A 100 -2.04 4.37 8.37
CA ARG A 100 -2.52 3.69 9.57
C ARG A 100 -3.52 4.59 10.27
N ILE A 101 -4.74 4.11 10.46
CA ILE A 101 -5.79 4.93 11.08
C ILE A 101 -5.83 4.74 12.59
N ALA A 102 -5.69 5.86 13.32
CA ALA A 102 -5.78 5.87 14.76
C ALA A 102 -7.02 6.65 15.15
N ASP A 103 -7.18 6.95 16.44
CA ASP A 103 -8.34 7.73 16.87
C ASP A 103 -8.19 9.20 16.46
N GLY A 104 -8.98 9.61 15.47
CA GLY A 104 -9.01 11.00 15.05
C GLY A 104 -7.85 11.47 14.17
N CYS A 105 -6.97 10.55 13.78
CA CYS A 105 -5.79 10.93 13.01
C CYS A 105 -5.22 9.73 12.27
N ALA A 106 -4.30 10.00 11.34
CA ALA A 106 -3.67 8.94 10.55
C ALA A 106 -2.15 9.07 10.57
N HIS A 107 -1.47 7.92 10.72
CA HIS A 107 -0.05 7.83 10.46
C HIS A 107 0.17 7.63 8.96
N LEU A 108 1.23 8.23 8.44
CA LEU A 108 1.61 8.03 7.03
C LEU A 108 2.23 6.66 6.83
N LEU A 109 2.13 6.14 5.60
CA LEU A 109 2.74 4.83 5.30
C LEU A 109 3.32 4.78 3.89
N TYR A 110 2.55 5.23 2.91
CA TYR A 110 2.93 5.10 1.50
C TYR A 110 2.28 6.16 0.64
N PHE A 111 3.01 6.62 -0.36
CA PHE A 111 2.46 7.52 -1.35
C PHE A 111 3.20 7.35 -2.67
N ILE A 112 2.46 7.28 -3.77
CA ILE A 112 3.07 7.30 -5.10
C ILE A 112 2.13 8.04 -6.04
N GLU A 113 2.70 8.73 -7.03
CA GLU A 113 1.89 9.43 -8.02
C GLU A 113 2.26 8.99 -9.44
N TYR A 114 1.25 9.02 -10.31
CA TYR A 114 1.35 8.58 -11.69
C TYR A 114 0.85 9.68 -12.62
N ALA A 115 1.46 9.82 -13.78
CA ALA A 115 0.95 10.74 -14.81
C ALA A 115 1.13 10.15 -16.20
N ASP A 116 0.33 10.65 -17.14
CA ASP A 116 0.35 10.22 -18.53
C ASP A 116 0.17 8.70 -18.60
N CYS A 117 -0.85 8.22 -17.92
CA CYS A 117 -1.17 6.81 -17.86
C CYS A 117 -2.11 6.40 -18.99
N ASP A 118 -1.99 5.16 -19.42
CA ASP A 118 -2.73 4.65 -20.57
C ASP A 118 -4.00 3.93 -20.11
N PRO A 119 -5.18 4.51 -20.40
CA PRO A 119 -6.42 3.91 -19.90
C PRO A 119 -6.78 2.60 -20.59
N ARG A 120 -6.03 2.19 -21.61
CA ARG A 120 -6.25 0.89 -22.25
C ARG A 120 -5.24 -0.15 -21.79
N GLN A 121 -4.48 0.18 -20.76
CA GLN A 121 -3.54 -0.75 -20.15
C GLN A 121 -3.91 -0.98 -18.69
N VAL A 122 -3.28 -1.97 -18.06
CA VAL A 122 -3.50 -2.20 -16.62
C VAL A 122 -3.15 -0.94 -15.84
N PHE A 123 -3.78 -0.77 -14.68
CA PHE A 123 -3.48 0.37 -13.81
C PHE A 123 -1.97 0.53 -13.61
N GLY A 124 -1.49 1.75 -13.77
CA GLY A 124 -0.13 2.08 -13.43
C GLY A 124 0.83 2.05 -14.60
N ARG A 125 0.32 1.71 -15.79
CA ARG A 125 1.15 1.75 -17.00
C ARG A 125 1.24 3.19 -17.49
N CYS A 126 2.23 3.90 -16.97
CA CYS A 126 2.29 5.35 -17.10
C CYS A 126 3.65 5.82 -17.59
N ARG A 127 3.66 6.88 -18.39
CA ARG A 127 4.92 7.41 -18.90
C ARG A 127 5.68 8.19 -17.83
N ARG A 128 5.01 8.59 -16.77
CA ARG A 128 5.64 9.29 -15.66
C ARG A 128 5.17 8.71 -14.33
N ARG A 129 6.09 8.47 -13.42
CA ARG A 129 5.71 8.08 -12.06
C ARG A 129 6.75 8.57 -11.09
N THR A 130 6.37 8.66 -9.82
CA THR A 130 7.34 8.99 -8.80
C THR A 130 7.97 7.74 -8.22
N THR A 131 9.06 7.93 -7.50
CA THR A 131 9.54 6.92 -6.57
C THR A 131 8.46 6.73 -5.51
N PRO A 132 8.15 5.48 -5.15
CA PRO A 132 7.25 5.31 -3.99
C PRO A 132 7.86 5.95 -2.76
N MET A 133 7.02 6.60 -1.97
CA MET A 133 7.46 7.23 -0.72
C MET A 133 6.97 6.41 0.45
N TRP A 134 7.89 5.95 1.28
CA TRP A 134 7.57 5.03 2.37
C TRP A 134 7.90 5.54 3.75
N TRP A 135 7.14 5.06 4.73
CA TRP A 135 7.61 5.06 6.11
C TRP A 135 8.62 3.92 6.20
N THR A 136 9.91 4.27 6.24
CA THR A 136 10.95 3.25 6.07
C THR A 136 10.91 2.07 7.04
N PRO A 137 10.59 2.28 8.33
CA PRO A 137 10.53 1.09 9.18
C PRO A 137 9.55 0.04 8.66
N SER A 138 8.47 0.48 8.04
CA SER A 138 7.50 -0.46 7.52
C SER A 138 7.97 -1.10 6.20
N ALA A 139 8.73 -0.35 5.41
CA ALA A 139 9.22 -0.85 4.12
C ALA A 139 10.17 -2.03 4.29
N ASP A 140 10.68 -2.26 5.50
CA ASP A 140 11.55 -3.40 5.77
C ASP A 140 10.84 -4.75 5.56
N TYR A 141 9.52 -4.78 5.70
CA TYR A 141 8.81 -6.05 5.66
C TYR A 141 7.45 -5.93 4.97
N MET A 142 7.16 -4.74 4.44
CA MET A 142 5.92 -4.48 3.69
C MET A 142 6.28 -3.97 2.32
N PHE A 143 5.52 -4.38 1.30
CA PHE A 143 5.77 -3.90 -0.06
C PHE A 143 4.49 -4.05 -0.88
N PRO A 144 4.37 -3.33 -1.99
CA PRO A 144 3.12 -3.38 -2.76
C PRO A 144 2.97 -4.69 -3.51
N THR A 145 1.72 -5.06 -3.81
CA THR A 145 1.47 -6.18 -4.70
C THR A 145 1.90 -5.85 -6.14
N GLU A 146 1.92 -6.87 -6.98
CA GLU A 146 2.35 -6.69 -8.37
C GLU A 146 1.50 -5.65 -9.10
N ASP A 147 0.20 -5.65 -8.84
CA ASP A 147 -0.68 -4.71 -9.52
C ASP A 147 -0.62 -3.30 -8.90
N GLU A 148 0.17 -3.14 -7.84
CA GLU A 148 0.39 -1.86 -7.16
C GLU A 148 -0.81 -1.35 -6.36
N LEU A 149 -1.86 -2.17 -6.24
CA LEU A 149 -3.07 -1.69 -5.55
C LEU A 149 -3.28 -2.35 -4.19
N GLY A 150 -2.42 -3.30 -3.82
CA GLY A 150 -2.48 -3.94 -2.52
C GLY A 150 -1.16 -3.81 -1.80
N LEU A 151 -1.13 -4.25 -0.54
CA LEU A 151 0.12 -4.37 0.20
C LEU A 151 0.27 -5.77 0.74
N LEU A 152 1.50 -6.24 0.82
CA LEU A 152 1.83 -7.47 1.52
C LEU A 152 2.65 -7.11 2.75
N MET A 153 2.34 -7.79 3.86
CA MET A 153 2.98 -7.55 5.13
C MET A 153 3.58 -8.86 5.62
N VAL A 154 4.90 -8.96 5.57
CA VAL A 154 5.59 -10.22 5.74
C VAL A 154 6.03 -10.49 7.18
N ALA A 155 5.60 -11.63 7.73
CA ALA A 155 6.00 -12.06 9.08
C ALA A 155 5.88 -10.93 10.12
N PRO A 156 4.69 -10.31 10.25
CA PRO A 156 4.58 -9.10 11.06
C PRO A 156 4.71 -9.29 12.55
N GLY A 157 5.37 -8.33 13.21
CA GLY A 157 5.27 -8.24 14.66
C GLY A 157 3.83 -7.90 15.01
N ARG A 158 3.40 -8.24 16.22
CA ARG A 158 2.02 -7.98 16.62
C ARG A 158 1.68 -6.49 16.63
N PHE A 159 2.68 -5.63 16.80
CA PHE A 159 2.46 -4.19 16.80
C PHE A 159 1.78 -3.72 15.50
N ASN A 160 1.85 -4.53 14.46
CA ASN A 160 1.24 -4.18 13.17
C ASN A 160 -0.29 -4.30 13.13
N GLU A 161 -0.87 -4.87 14.19
CA GLU A 161 -2.32 -4.90 14.30
C GLU A 161 -2.91 -3.52 14.12
N GLY A 162 -4.05 -3.44 13.44
CA GLY A 162 -4.72 -2.17 13.32
C GLY A 162 -5.50 -1.99 12.04
N GLN A 163 -5.77 -0.73 11.74
CA GLN A 163 -6.64 -0.34 10.65
C GLN A 163 -5.83 0.38 9.60
N TYR A 164 -5.75 -0.23 8.41
CA TYR A 164 -4.96 0.30 7.31
C TYR A 164 -5.87 0.83 6.21
N ARG A 165 -5.76 2.10 5.87
CA ARG A 165 -6.62 2.67 4.86
C ARG A 165 -5.85 2.84 3.56
N ARG A 166 -6.47 2.42 2.46
CA ARG A 166 -5.96 2.66 1.12
C ARG A 166 -6.74 3.75 0.43
N LEU A 167 -6.03 4.68 -0.19
CA LEU A 167 -6.59 5.67 -1.10
C LEU A 167 -6.11 5.36 -2.51
N VAL A 168 -7.05 5.15 -3.44
CA VAL A 168 -6.75 5.07 -4.86
C VAL A 168 -7.47 6.20 -5.55
N SER A 169 -6.73 7.02 -6.27
CA SER A 169 -7.35 8.17 -6.93
C SER A 169 -7.01 8.16 -8.41
N VAL A 170 -8.03 8.33 -9.25
CA VAL A 170 -7.83 8.45 -10.70
C VAL A 170 -8.60 9.66 -11.17
N ASP A 171 -7.91 10.58 -11.84
CA ASP A 171 -8.51 11.80 -12.39
C ASP A 171 -9.33 12.54 -11.34
N GLY A 172 -8.79 12.57 -10.12
CA GLY A 172 -9.41 13.33 -9.04
C GLY A 172 -10.56 12.65 -8.32
N VAL A 173 -10.90 11.44 -8.74
CA VAL A 173 -11.94 10.65 -8.08
C VAL A 173 -11.29 9.69 -7.10
N ASN A 174 -11.72 9.73 -5.85
CA ASN A 174 -11.09 8.97 -4.78
C ASN A 174 -11.87 7.73 -4.36
N ILE A 175 -11.14 6.62 -4.24
CA ILE A 175 -11.68 5.37 -3.73
C ILE A 175 -10.98 5.04 -2.41
N LEU A 176 -11.75 4.82 -1.35
CA LEU A 176 -11.18 4.54 -0.02
C LEU A 176 -11.58 3.16 0.47
N THR A 177 -10.62 2.45 1.04
CA THR A 177 -10.85 1.09 1.54
C THR A 177 -10.10 0.88 2.84
N ASP A 178 -10.80 0.36 3.84
CA ASP A 178 -10.17 0.05 5.12
C ASP A 178 -9.88 -1.44 5.24
N PHE A 179 -8.70 -1.75 5.76
CA PHE A 179 -8.28 -3.12 5.98
C PHE A 179 -8.03 -3.32 7.45
N MET A 180 -8.80 -4.21 8.09
CA MET A 180 -8.57 -4.56 9.47
C MET A 180 -7.59 -5.72 9.56
N VAL A 181 -6.45 -5.46 10.19
CA VAL A 181 -5.45 -6.49 10.37
C VAL A 181 -5.47 -6.96 11.81
N ALA A 182 -5.94 -8.19 12.00
CA ALA A 182 -5.99 -8.77 13.32
C ALA A 182 -4.90 -9.83 13.45
N LEU A 183 -4.09 -9.68 14.49
CA LEU A 183 -3.06 -10.67 14.77
C LEU A 183 -3.27 -11.18 16.19
N PRO A 184 -3.50 -12.49 16.34
CA PRO A 184 -3.83 -13.05 17.66
C PRO A 184 -2.79 -12.74 18.74
N GLU A 185 -3.28 -12.44 19.95
CA GLU A 185 -2.41 -12.25 21.10
C GLU A 185 -1.58 -13.50 21.35
N GLY A 186 -0.32 -13.32 21.72
CA GLY A 186 0.55 -14.46 21.98
C GLY A 186 1.12 -15.18 20.75
N GLN A 187 0.78 -14.70 19.56
CA GLN A 187 1.34 -15.26 18.32
C GLN A 187 2.32 -14.22 17.74
N GLU A 188 3.60 -14.57 17.59
CA GLU A 188 4.50 -13.67 16.86
C GLU A 188 5.65 -14.41 16.20
N CYS A 189 5.98 -13.98 14.99
CA CYS A 189 7.09 -14.61 14.29
C CYS A 189 8.42 -14.31 14.98
N PRO A 190 9.21 -15.36 15.25
CA PRO A 190 10.47 -15.18 15.96
C PRO A 190 11.44 -14.24 15.23
N PHE A 191 11.35 -14.15 13.90
CA PHE A 191 12.27 -13.25 13.20
C PHE A 191 11.57 -11.99 12.69
N ALA A 192 10.37 -11.71 13.21
CA ALA A 192 9.67 -10.46 12.87
C ALA A 192 10.56 -9.24 13.07
N ARG A 193 10.45 -8.26 12.17
CA ARG A 193 11.19 -7.01 12.33
C ARG A 193 10.57 -6.14 13.41
N VAL A 194 11.23 -6.07 14.56
CA VAL A 194 10.72 -5.28 15.67
C VAL A 194 11.70 -4.20 16.12
N ASP A 195 12.91 -4.24 15.59
CA ASP A 195 13.95 -3.32 16.01
C ASP A 195 13.66 -1.87 15.62
N GLN A 196 13.31 -1.64 14.36
CA GLN A 196 13.06 -0.30 13.87
C GLN A 196 11.79 0.29 14.50
N HIS A 197 10.83 -0.58 14.80
CA HIS A 197 9.59 -0.12 15.41
C HIS A 197 9.88 0.43 16.81
N ARG A 198 10.77 -0.23 17.53
CA ARG A 198 11.10 0.21 18.89
C ARG A 198 11.68 1.62 18.88
N THR A 199 12.44 1.95 17.85
CA THR A 199 13.09 3.26 17.75
C THR A 199 12.17 4.33 17.15
N TYR A 200 11.48 3.99 16.07
CA TYR A 200 10.76 5.00 15.29
C TYR A 200 9.24 4.91 15.34
N LYS A 201 8.74 3.78 15.80
CA LYS A 201 7.30 3.51 15.82
C LYS A 201 6.65 3.82 14.47
N PHE A 202 5.47 4.44 14.49
CA PHE A 202 4.70 4.69 13.27
C PHE A 202 4.83 6.11 12.77
N GLY A 203 5.59 6.94 13.49
CA GLY A 203 5.71 8.35 13.16
C GLY A 203 4.55 9.16 13.72
N ALA A 204 4.51 10.44 13.36
CA ALA A 204 3.47 11.34 13.83
C ALA A 204 2.11 10.92 13.29
N CYS A 205 1.06 11.43 13.93
CA CYS A 205 -0.30 11.15 13.52
C CYS A 205 -0.96 12.46 13.11
N TRP A 206 -1.70 12.45 12.01
CA TRP A 206 -2.18 13.69 11.40
C TRP A 206 -3.70 13.69 11.28
N SER A 207 -4.32 14.78 11.74
CA SER A 207 -5.77 14.89 11.61
C SER A 207 -6.16 15.45 10.24
N ASP A 208 -7.45 15.42 9.94
CA ASP A 208 -7.96 15.93 8.66
C ASP A 208 -7.53 17.38 8.45
N ASP A 209 -7.63 18.19 9.50
CA ASP A 209 -7.25 19.59 9.41
C ASP A 209 -5.77 19.74 9.06
N SER A 210 -4.93 18.83 9.56
CA SER A 210 -3.53 18.87 9.19
C SER A 210 -3.30 18.48 7.74
N PHE A 211 -4.07 17.54 7.22
CA PHE A 211 -3.95 17.17 5.82
C PHE A 211 -4.41 18.33 4.94
N LYS A 212 -5.46 19.03 5.39
CA LYS A 212 -5.95 20.20 4.66
C LYS A 212 -4.92 21.33 4.62
N ARG A 213 -4.22 21.59 5.71
CA ARG A 213 -3.18 22.62 5.72
C ARG A 213 -1.96 22.16 4.92
N GLY A 214 -1.77 20.85 4.83
CA GLY A 214 -0.66 20.32 4.04
C GLY A 214 0.39 19.58 4.85
N VAL A 215 0.50 18.29 4.59
CA VAL A 215 1.54 17.47 5.19
C VAL A 215 2.54 17.10 4.09
N ASP A 216 3.74 17.66 4.17
CA ASP A 216 4.71 17.52 3.08
C ASP A 216 5.17 16.06 2.93
N VAL A 217 4.96 15.51 1.74
CA VAL A 217 5.33 14.13 1.44
C VAL A 217 6.77 13.80 1.81
N MET A 218 7.71 14.58 1.27
CA MET A 218 9.11 14.25 1.42
C MET A 218 9.69 14.66 2.77
N ARG A 219 8.91 15.40 3.56
CA ARG A 219 9.35 15.78 4.89
C ARG A 219 9.28 14.56 5.82
N PHE A 220 8.34 13.65 5.54
CA PHE A 220 8.02 12.58 6.49
C PHE A 220 8.14 11.19 5.88
N LEU A 221 8.10 11.10 4.56
CA LEU A 221 8.24 9.83 3.87
C LEU A 221 9.57 9.82 3.10
N THR A 222 10.03 8.63 2.75
CA THR A 222 11.35 8.44 2.15
C THR A 222 11.26 7.76 0.79
N PRO A 223 11.93 8.31 -0.24
CA PRO A 223 11.90 7.66 -1.55
C PRO A 223 12.46 6.24 -1.47
N PHE A 224 11.82 5.34 -2.19
CA PHE A 224 12.15 3.93 -2.09
C PHE A 224 12.17 3.26 -3.44
N TYR A 225 12.52 1.97 -3.45
CA TYR A 225 12.45 1.16 -4.66
C TYR A 225 11.04 1.05 -5.21
N GLN A 226 10.93 0.91 -6.52
CA GLN A 226 9.68 0.50 -7.14
C GLN A 226 9.32 -0.92 -6.67
N GLN A 227 8.10 -1.34 -6.94
CA GLN A 227 7.59 -2.60 -6.39
C GLN A 227 8.45 -3.84 -6.68
N PRO A 228 8.94 -4.01 -7.92
CA PRO A 228 9.64 -5.30 -8.10
C PRO A 228 10.97 -5.41 -7.32
N PRO A 229 11.87 -4.41 -7.38
CA PRO A 229 13.06 -4.57 -6.52
C PRO A 229 12.71 -4.53 -5.01
N HIS A 230 11.69 -3.76 -4.64
CA HIS A 230 11.27 -3.75 -3.24
C HIS A 230 10.86 -5.15 -2.78
N ARG A 231 9.99 -5.78 -3.55
CA ARG A 231 9.62 -7.16 -3.27
CA ARG A 231 9.62 -7.16 -3.28
C ARG A 231 10.84 -8.06 -3.11
N GLU A 232 11.81 -7.94 -4.02
CA GLU A 232 12.96 -8.84 -3.94
C GLU A 232 13.88 -8.55 -2.78
N VAL A 233 13.96 -7.30 -2.34
CA VAL A 233 14.76 -7.02 -1.15
C VAL A 233 14.12 -7.65 0.10
N VAL A 234 12.80 -7.53 0.24
CA VAL A 234 12.12 -8.17 1.36
C VAL A 234 12.18 -9.70 1.23
N ASN A 235 12.01 -10.20 0.01
CA ASN A 235 12.08 -11.64 -0.27
C ASN A 235 13.43 -12.22 0.14
N TYR A 236 14.51 -11.50 -0.14
CA TYR A 236 15.82 -11.99 0.27
C TYR A 236 15.91 -12.25 1.78
N TRP A 237 15.38 -11.33 2.57
CA TRP A 237 15.35 -11.48 4.02
C TRP A 237 14.46 -12.65 4.44
N TYR A 238 13.30 -12.76 3.81
CA TYR A 238 12.34 -13.82 4.15
C TYR A 238 12.95 -15.19 3.87
N ARG A 239 13.60 -15.31 2.71
CA ARG A 239 14.18 -16.59 2.29
C ARG A 239 15.41 -16.96 3.11
N LYS A 240 16.17 -15.95 3.53
CA LYS A 240 17.31 -16.19 4.40
C LYS A 240 16.85 -16.79 5.73
N ASN A 241 15.64 -16.41 6.14
CA ASN A 241 15.05 -16.96 7.36
C ASN A 241 14.26 -18.23 7.06
N GLY A 242 14.44 -18.76 5.86
CA GLY A 242 13.93 -20.08 5.51
C GLY A 242 12.51 -20.15 5.02
N ARG A 243 11.91 -19.00 4.72
CA ARG A 243 10.53 -19.00 4.25
C ARG A 243 10.38 -18.56 2.79
N THR A 244 9.35 -19.08 2.13
CA THR A 244 9.10 -18.81 0.72
C THR A 244 7.82 -17.98 0.56
N LEU A 245 7.87 -16.89 -0.20
CA LEU A 245 6.66 -16.11 -0.44
C LEU A 245 5.62 -16.99 -1.13
N PRO A 246 4.36 -16.89 -0.68
CA PRO A 246 3.26 -17.60 -1.35
C PRO A 246 3.18 -17.28 -2.85
N ARG A 247 2.70 -18.25 -3.62
CA ARG A 247 2.54 -18.07 -5.05
C ARG A 247 1.30 -17.24 -5.35
N ALA A 248 0.35 -17.27 -4.42
CA ALA A 248 -0.87 -16.48 -4.55
C ALA A 248 -1.36 -16.01 -3.20
N TYR A 249 -2.19 -14.97 -3.21
CA TYR A 249 -2.69 -14.36 -1.99
C TYR A 249 -4.20 -14.19 -2.07
N ALA A 250 -4.91 -14.67 -1.07
CA ALA A 250 -6.36 -14.54 -1.07
C ALA A 250 -6.78 -13.18 -0.55
N ALA A 251 -7.76 -12.58 -1.22
CA ALA A 251 -8.21 -11.24 -0.90
C ALA A 251 -8.85 -11.16 0.48
N ALA A 252 -8.76 -9.97 1.07
CA ALA A 252 -9.45 -9.66 2.31
C ALA A 252 -10.96 -9.83 2.10
N THR A 253 -11.66 -10.16 3.17
CA THR A 253 -13.10 -10.46 3.11
C THR A 253 -13.91 -9.40 3.87
N PRO A 254 -15.18 -9.20 3.47
CA PRO A 254 -16.00 -8.21 4.18
C PRO A 254 -16.41 -8.69 5.58
N TYR A 255 -16.33 -10.00 5.79
CA TYR A 255 -16.58 -10.59 7.09
C TYR A 255 -15.26 -10.96 7.78
N ALA A 256 -15.28 -11.05 9.10
CA ALA A 256 -14.11 -11.51 9.82
C ALA A 256 -14.04 -13.03 9.82
N ILE A 257 -12.83 -13.55 9.64
CA ILE A 257 -12.57 -14.98 9.75
C ILE A 257 -11.88 -15.25 11.09
N ASP A 258 -12.41 -16.20 11.85
CA ASP A 258 -11.88 -16.53 13.17
C ASP A 258 -11.65 -15.34 14.09
N PRO A 259 -12.65 -14.45 14.25
CA PRO A 259 -12.44 -13.26 15.07
C PRO A 259 -12.25 -13.57 16.55
N ALA A 260 -11.59 -12.67 17.26
CA ALA A 260 -11.39 -12.83 18.69
C ALA A 260 -12.36 -11.97 19.50
N ARG A 261 -12.23 -12.07 20.82
CA ARG A 261 -12.76 -11.13 21.82
C ARG A 261 -13.47 -9.89 21.27
#